data_7FCY
#
_entry.id   7FCY
#
_cell.length_a   113.116
_cell.length_b   113.116
_cell.length_c   113.116
_cell.angle_alpha   90.000
_cell.angle_beta   90.000
_cell.angle_gamma   90.000
#
_symmetry.space_group_name_H-M   'P 4 3 2'
#
loop_
_entity.id
_entity.type
_entity.pdbx_description
1 polymer 'Imidazoleglycerol-phosphate dehydratase'
2 non-polymer 'MANGANESE (II) ION'
3 non-polymer (1S)-2-methyl-1-(2-methyl-1,2,4-triazol-3-yl)propan-1-amine
4 non-polymer 1,2-ETHANEDIOL
5 non-polymer 'CHLORIDE ION'
6 non-polymer 'ACETATE ION'
7 water water
#
_entity_poly.entity_id   1
_entity_poly.type   'polypeptide(L)'
_entity_poly.pdbx_seq_one_letter_code
;MTTTQTAKASRRARIERRTRESDIVIELDLDGTGQVAVDTGVPFYDHMLTALGSHASFDLTVRATGDVEIEAHHTIEDTA
IALGTALGQALGDKRGIRRFGDAFIPMDETLAHAAVDLSGRPYCVHTGEPDHLQHTTIAGSSVPYHTVINRHVFESLAAN
ARIALHVRVLYGRDPHHITEAQYKAVARALRQAVEPDPRVSGVPSTKGAL
;
_entity_poly.pdbx_strand_id   A
#
loop_
_chem_comp.id
_chem_comp.type
_chem_comp.name
_chem_comp.formula
47Z non-polymer (1S)-2-methyl-1-(2-methyl-1,2,4-triazol-3-yl)propan-1-amine 'C7 H14 N4'
ACT non-polymer 'ACETATE ION' 'C2 H3 O2 -1'
CL non-polymer 'CHLORIDE ION' 'Cl -1'
EDO non-polymer 1,2-ETHANEDIOL 'C2 H6 O2'
MN non-polymer 'MANGANESE (II) ION' 'Mn 2'
#
# COMPACT_ATOMS: atom_id res chain seq x y z
N SER A 10 9.87 -19.84 0.48
CA SER A 10 9.93 -18.43 0.96
C SER A 10 9.39 -17.48 -0.12
N ARG A 11 8.74 -16.40 0.32
CA ARG A 11 8.01 -15.44 -0.53
C ARG A 11 8.63 -14.09 -0.28
N ARG A 12 9.81 -13.92 -0.86
CA ARG A 12 10.67 -12.74 -0.68
C ARG A 12 10.91 -12.17 -2.09
N ALA A 13 11.10 -10.87 -2.18
CA ALA A 13 11.52 -10.22 -3.43
C ALA A 13 12.35 -9.00 -3.08
N ARG A 14 13.35 -8.75 -3.90
CA ARG A 14 14.14 -7.50 -3.82
C ARG A 14 13.97 -6.82 -5.17
N ILE A 15 13.46 -5.61 -5.16
CA ILE A 15 13.26 -4.79 -6.39
C ILE A 15 14.15 -3.55 -6.26
N GLU A 16 14.97 -3.28 -7.27
CA GLU A 16 15.69 -2.00 -7.44
C GLU A 16 15.08 -1.30 -8.63
N ARG A 17 14.66 -0.06 -8.45
CA ARG A 17 14.04 0.74 -9.54
C ARG A 17 14.73 2.11 -9.57
N ARG A 18 15.51 2.38 -10.61
CA ARG A 18 16.26 3.65 -10.77
C ARG A 18 15.66 4.34 -12.01
N THR A 19 15.07 5.51 -11.83
CA THR A 19 14.46 6.30 -12.91
C THR A 19 15.20 7.63 -12.93
N ARG A 20 14.90 8.50 -13.87
CA ARG A 20 15.42 9.89 -13.91
C ARG A 20 15.02 10.58 -12.59
N GLU A 21 13.87 10.23 -12.00
CA GLU A 21 13.27 11.01 -10.88
C GLU A 21 13.62 10.41 -9.51
N SER A 22 13.88 9.11 -9.44
CA SER A 22 14.04 8.45 -8.12
C SER A 22 14.89 7.20 -8.23
N ASP A 23 15.32 6.80 -7.05
CA ASP A 23 16.14 5.61 -6.76
C ASP A 23 15.52 4.80 -5.63
N ILE A 24 15.02 3.60 -5.93
CA ILE A 24 14.23 2.78 -4.97
C ILE A 24 14.93 1.42 -4.78
N VAL A 25 14.96 0.93 -3.53
CA VAL A 25 15.23 -0.47 -3.16
C VAL A 25 14.15 -0.93 -2.19
N ILE A 26 13.51 -2.04 -2.55
CA ILE A 26 12.47 -2.75 -1.75
C ILE A 26 12.99 -4.16 -1.43
N GLU A 27 12.95 -4.53 -0.17
CA GLU A 27 13.11 -5.94 0.26
C GLU A 27 11.85 -6.33 1.01
N LEU A 28 11.14 -7.31 0.50
CA LEU A 28 9.81 -7.69 0.98
C LEU A 28 9.85 -9.20 1.27
N ASP A 29 9.29 -9.55 2.42
CA ASP A 29 8.97 -10.95 2.79
C ASP A 29 7.50 -10.99 3.20
N LEU A 30 6.67 -11.73 2.49
CA LEU A 30 5.24 -11.89 2.85
C LEU A 30 5.07 -12.57 4.20
N ASP A 31 5.98 -13.47 4.56
CA ASP A 31 5.87 -14.36 5.75
C ASP A 31 6.66 -13.75 6.89
N GLY A 32 6.41 -12.48 7.21
CA GLY A 32 7.21 -11.69 8.15
C GLY A 32 6.60 -11.58 9.53
N THR A 33 7.18 -10.73 10.37
CA THR A 33 6.66 -10.43 11.73
C THR A 33 6.51 -8.93 11.90
N GLY A 34 6.45 -8.16 10.82
CA GLY A 34 6.30 -6.70 10.91
C GLY A 34 7.61 -6.01 11.21
N GLN A 35 8.73 -6.60 10.81
CA GLN A 35 10.07 -5.92 10.82
C GLN A 35 10.13 -4.98 9.62
N VAL A 36 9.95 -3.70 9.90
CA VAL A 36 9.65 -2.69 8.85
C VAL A 36 10.53 -1.48 9.08
N ALA A 37 11.17 -1.01 8.01
CA ALA A 37 12.00 0.20 7.97
C ALA A 37 11.74 0.90 6.64
N VAL A 38 11.20 2.11 6.69
CA VAL A 38 10.84 2.86 5.47
C VAL A 38 11.46 4.25 5.54
N ASP A 39 12.20 4.63 4.48
CA ASP A 39 12.82 5.97 4.35
C ASP A 39 12.78 6.43 2.90
N THR A 40 11.86 7.34 2.58
CA THR A 40 11.56 7.80 1.21
C THR A 40 11.89 9.29 1.08
N GLY A 41 12.10 10.01 2.19
CA GLY A 41 12.26 11.47 2.21
C GLY A 41 10.92 12.18 2.35
N VAL A 42 9.84 11.42 2.48
CA VAL A 42 8.44 11.92 2.61
C VAL A 42 7.89 11.32 3.90
N PRO A 43 8.14 11.94 5.07
CA PRO A 43 7.87 11.25 6.34
C PRO A 43 6.45 10.74 6.62
N PHE A 44 5.41 11.43 6.14
CA PHE A 44 4.02 10.92 6.31
C PHE A 44 3.87 9.65 5.46
N TYR A 45 4.43 9.62 4.26
CA TYR A 45 4.40 8.40 3.42
C TYR A 45 5.18 7.28 4.11
N ASP A 46 6.33 7.61 4.71
CA ASP A 46 7.10 6.62 5.51
C ASP A 46 6.20 5.97 6.56
N HIS A 47 5.46 6.81 7.27
CA HIS A 47 4.50 6.38 8.31
C HIS A 47 3.43 5.47 7.69
N MET A 48 2.88 5.84 6.55
CA MET A 48 1.77 5.05 5.93
C MET A 48 2.32 3.67 5.47
N LEU A 49 3.46 3.64 4.81
CA LEU A 49 4.07 2.39 4.34
C LEU A 49 4.58 1.55 5.52
N THR A 50 5.00 2.16 6.61
CA THR A 50 5.41 1.42 7.83
C THR A 50 4.17 0.77 8.43
N ALA A 51 3.07 1.53 8.54
CA ALA A 51 1.76 0.97 8.97
C ALA A 51 1.34 -0.19 8.07
N LEU A 52 1.51 -0.03 6.75
CA LEU A 52 1.09 -1.07 5.80
C LEU A 52 1.93 -2.33 6.04
N GLY A 53 3.25 -2.22 6.05
CA GLY A 53 4.12 -3.39 6.23
C GLY A 53 3.83 -4.09 7.53
N SER A 54 3.64 -3.29 8.58
CA SER A 54 3.50 -3.80 9.95
C SER A 54 2.15 -4.51 10.11
N HIS A 55 1.05 -3.89 9.66
CA HIS A 55 -0.32 -4.47 9.79
C HIS A 55 -0.55 -5.64 8.84
N ALA A 56 0.27 -5.78 7.80
CA ALA A 56 0.26 -6.92 6.87
C ALA A 56 1.09 -8.09 7.43
N SER A 57 1.83 -7.87 8.50
CA SER A 57 2.83 -8.82 9.06
CA SER A 57 2.81 -8.85 9.05
C SER A 57 3.88 -9.18 7.99
N PHE A 58 4.21 -8.21 7.14
CA PHE A 58 5.34 -8.32 6.20
C PHE A 58 6.62 -8.00 6.97
N ASP A 59 7.75 -8.47 6.46
CA ASP A 59 9.04 -7.79 6.70
C ASP A 59 9.29 -6.94 5.45
N LEU A 60 9.62 -5.67 5.65
CA LEU A 60 9.66 -4.68 4.55
C LEU A 60 10.73 -3.65 4.86
N THR A 61 11.68 -3.51 3.94
CA THR A 61 12.54 -2.33 3.95
C THR A 61 12.34 -1.60 2.63
N VAL A 62 12.22 -0.28 2.74
CA VAL A 62 12.08 0.67 1.60
C VAL A 62 13.09 1.79 1.83
N ARG A 63 13.98 1.97 0.86
CA ARG A 63 14.96 3.08 0.78
C ARG A 63 14.70 3.71 -0.59
N ALA A 64 14.25 4.97 -0.58
CA ALA A 64 13.95 5.75 -1.78
C ALA A 64 14.52 7.16 -1.60
N THR A 65 15.14 7.68 -2.65
CA THR A 65 15.58 9.08 -2.79
C THR A 65 15.06 9.56 -4.12
N GLY A 66 14.31 10.67 -4.14
CA GLY A 66 13.85 11.23 -5.41
C GLY A 66 13.78 12.74 -5.38
N ASP A 67 13.06 13.27 -6.34
CA ASP A 67 13.06 14.68 -6.71
C ASP A 67 12.02 15.41 -5.83
N VAL A 68 12.18 15.36 -4.50
CA VAL A 68 11.20 15.98 -3.56
C VAL A 68 11.29 17.51 -3.62
N GLU A 69 12.26 18.11 -4.33
CA GLU A 69 12.27 19.59 -4.57
C GLU A 69 11.05 19.96 -5.41
N ILE A 70 10.61 19.06 -6.27
CA ILE A 70 9.40 19.26 -7.11
C ILE A 70 8.16 19.08 -6.21
N GLU A 71 8.05 17.91 -5.59
CA GLU A 71 7.06 17.50 -4.57
C GLU A 71 7.19 16.00 -4.41
N ALA A 72 6.35 15.41 -3.58
CA ALA A 72 6.48 13.98 -3.20
C ALA A 72 6.03 13.07 -4.35
N HIS A 73 5.18 13.55 -5.28
CA HIS A 73 4.42 12.69 -6.23
C HIS A 73 5.34 11.64 -6.87
N HIS A 74 6.43 12.06 -7.54
CA HIS A 74 7.24 11.09 -8.34
C HIS A 74 7.83 9.98 -7.45
N THR A 75 8.39 10.35 -6.31
CA THR A 75 8.96 9.40 -5.32
C THR A 75 7.84 8.48 -4.80
N ILE A 76 6.69 9.04 -4.45
CA ILE A 76 5.56 8.23 -3.91
C ILE A 76 5.17 7.17 -4.95
N GLU A 77 4.99 7.60 -6.20
CA GLU A 77 4.51 6.76 -7.32
C GLU A 77 5.56 5.69 -7.65
N ASP A 78 6.82 6.09 -7.78
CA ASP A 78 7.90 5.13 -8.09
C ASP A 78 7.96 4.10 -6.96
N THR A 79 7.80 4.53 -5.71
CA THR A 79 7.86 3.62 -4.55
C THR A 79 6.70 2.62 -4.63
N ALA A 80 5.50 3.08 -4.98
CA ALA A 80 4.28 2.25 -4.98
C ALA A 80 4.39 1.22 -6.12
N ILE A 81 4.97 1.66 -7.24
CA ILE A 81 5.19 0.78 -8.42
C ILE A 81 6.18 -0.32 -8.02
N ALA A 82 7.28 0.07 -7.39
CA ALA A 82 8.34 -0.88 -6.98
C ALA A 82 7.75 -1.86 -5.96
N LEU A 83 7.00 -1.33 -5.00
CA LEU A 83 6.41 -2.15 -3.91
C LEU A 83 5.42 -3.14 -4.50
N GLY A 84 4.52 -2.67 -5.39
CA GLY A 84 3.56 -3.56 -6.08
C GLY A 84 4.30 -4.65 -6.85
N THR A 85 5.36 -4.28 -7.58
CA THR A 85 6.19 -5.25 -8.34
C THR A 85 6.72 -6.31 -7.40
N ALA A 86 7.23 -5.91 -6.24
CA ALA A 86 7.79 -6.82 -5.21
C ALA A 86 6.71 -7.75 -4.69
N LEU A 87 5.52 -7.21 -4.40
CA LEU A 87 4.37 -8.00 -3.91
C LEU A 87 4.02 -9.07 -4.94
N GLY A 88 3.93 -8.69 -6.21
CA GLY A 88 3.64 -9.66 -7.28
C GLY A 88 4.69 -10.74 -7.41
N GLN A 89 5.95 -10.38 -7.39
CA GLN A 89 7.07 -11.35 -7.51
C GLN A 89 7.06 -12.28 -6.29
N ALA A 90 6.88 -11.74 -5.09
CA ALA A 90 6.90 -12.50 -3.83
C ALA A 90 5.76 -13.53 -3.82
N LEU A 91 4.62 -13.17 -4.39
CA LEU A 91 3.41 -14.04 -4.43
C LEU A 91 3.68 -15.29 -5.32
N GLY A 92 4.61 -15.20 -6.28
CA GLY A 92 4.92 -16.30 -7.21
C GLY A 92 3.67 -16.85 -7.89
N ASP A 93 3.45 -18.17 -7.78
CA ASP A 93 2.35 -18.91 -8.47
C ASP A 93 1.02 -18.70 -7.74
N LYS A 94 1.05 -18.15 -6.52
CA LYS A 94 -0.15 -17.91 -5.66
C LYS A 94 -0.86 -19.26 -5.37
N ARG A 95 -0.12 -20.37 -5.36
CA ARG A 95 -0.69 -21.73 -5.15
C ARG A 95 -1.01 -21.86 -3.65
N GLY A 96 -2.22 -22.32 -3.32
CA GLY A 96 -2.54 -22.71 -1.94
C GLY A 96 -2.84 -21.54 -0.98
N ILE A 97 -3.06 -20.33 -1.46
CA ILE A 97 -3.29 -19.16 -0.55
C ILE A 97 -4.78 -18.84 -0.44
N ARG A 98 -5.18 -18.04 0.55
CA ARG A 98 -6.62 -17.71 0.74
C ARG A 98 -7.14 -16.96 -0.47
N ARG A 99 -6.29 -16.17 -1.13
CA ARG A 99 -6.57 -15.43 -2.38
C ARG A 99 -7.44 -14.19 -2.11
N PHE A 100 -8.55 -14.37 -1.41
CA PHE A 100 -9.48 -13.29 -1.02
C PHE A 100 -9.15 -12.87 0.40
N GLY A 101 -9.19 -11.55 0.61
CA GLY A 101 -8.99 -10.95 1.94
C GLY A 101 -9.75 -9.64 2.04
N ASP A 102 -10.14 -9.27 3.25
CA ASP A 102 -10.82 -7.98 3.49
C ASP A 102 -10.58 -7.59 4.95
N ALA A 103 -10.68 -6.30 5.23
CA ALA A 103 -10.51 -5.83 6.61
C ALA A 103 -11.20 -4.46 6.75
N PHE A 104 -11.93 -4.33 7.83
CA PHE A 104 -12.46 -3.03 8.32
C PHE A 104 -11.47 -2.45 9.30
N ILE A 105 -11.25 -1.15 9.18
CA ILE A 105 -10.38 -0.41 10.14
C ILE A 105 -11.10 0.82 10.63
N PRO A 106 -11.56 0.80 11.91
CA PRO A 106 -12.04 1.99 12.60
C PRO A 106 -10.82 2.79 13.05
N MET A 107 -10.86 4.11 12.87
CA MET A 107 -9.80 4.95 13.47
C MET A 107 -10.46 6.20 14.04
N ASP A 108 -10.81 6.16 15.34
CA ASP A 108 -11.69 7.20 15.96
C ASP A 108 -12.99 7.32 15.11
N GLU A 109 -13.24 8.46 14.48
CA GLU A 109 -14.50 8.76 13.74
C GLU A 109 -14.53 8.04 12.36
N THR A 110 -13.39 7.59 11.85
CA THR A 110 -13.22 7.07 10.48
C THR A 110 -13.48 5.55 10.51
N LEU A 111 -14.20 5.07 9.51
CA LEU A 111 -14.26 3.64 9.20
C LEU A 111 -13.86 3.47 7.73
N ALA A 112 -12.84 2.65 7.50
CA ALA A 112 -12.35 2.30 6.16
C ALA A 112 -12.44 0.79 5.97
N HIS A 113 -12.41 0.36 4.72
CA HIS A 113 -12.50 -1.07 4.38
C HIS A 113 -11.62 -1.28 3.17
N ALA A 114 -11.03 -2.47 3.05
CA ALA A 114 -10.38 -2.90 1.78
C ALA A 114 -10.71 -4.37 1.58
N ALA A 115 -10.93 -4.71 0.31
CA ALA A 115 -11.11 -6.10 -0.14
C ALA A 115 -10.15 -6.38 -1.30
N VAL A 116 -9.57 -7.58 -1.32
CA VAL A 116 -8.57 -7.95 -2.35
CA VAL A 116 -8.53 -7.97 -2.29
C VAL A 116 -8.90 -9.32 -2.92
N ASP A 117 -8.57 -9.45 -4.20
CA ASP A 117 -8.53 -10.72 -4.96
C ASP A 117 -7.15 -10.75 -5.61
N LEU A 118 -6.25 -11.61 -5.21
N LEU A 118 -6.30 -11.62 -5.06
CA LEU A 118 -4.96 -11.72 -5.94
CA LEU A 118 -4.84 -11.77 -5.34
C LEU A 118 -5.21 -12.48 -7.25
C LEU A 118 -4.63 -12.62 -6.60
N SER A 119 -5.96 -11.87 -8.16
N SER A 119 -5.53 -13.54 -6.97
CA SER A 119 -6.51 -12.47 -9.40
CA SER A 119 -5.46 -14.20 -8.30
C SER A 119 -5.44 -12.64 -10.50
C SER A 119 -6.38 -13.46 -9.27
N GLY A 120 -4.31 -11.89 -10.50
N GLY A 120 -6.24 -12.13 -9.33
CA GLY A 120 -3.41 -11.80 -11.66
CA GLY A 120 -7.25 -11.18 -9.84
C GLY A 120 -3.89 -10.78 -12.68
C GLY A 120 -7.03 -10.64 -11.25
N ARG A 121 -5.01 -10.12 -12.41
N ARG A 121 -5.89 -10.03 -11.63
CA ARG A 121 -5.58 -9.06 -13.27
CA ARG A 121 -5.78 -9.14 -12.84
C ARG A 121 -5.64 -7.75 -12.51
C ARG A 121 -5.79 -7.71 -12.32
N PRO A 122 -4.88 -6.71 -12.90
N PRO A 122 -4.96 -6.76 -12.81
CA PRO A 122 -4.92 -5.45 -12.16
CA PRO A 122 -4.92 -5.44 -12.20
C PRO A 122 -6.35 -4.93 -12.14
C PRO A 122 -6.30 -4.78 -12.19
N TYR A 123 -6.78 -4.38 -11.00
CA TYR A 123 -8.01 -3.54 -10.93
C TYR A 123 -7.97 -2.82 -9.58
N CYS A 124 -8.37 -1.57 -9.61
CA CYS A 124 -8.47 -0.73 -8.40
C CYS A 124 -9.73 0.08 -8.47
N VAL A 125 -10.52 -0.04 -7.41
CA VAL A 125 -11.70 0.82 -7.21
C VAL A 125 -11.54 1.46 -5.84
N HIS A 126 -11.52 2.79 -5.85
CA HIS A 126 -11.38 3.62 -4.65
C HIS A 126 -12.66 4.43 -4.50
N THR A 127 -13.40 4.26 -3.41
CA THR A 127 -14.65 5.02 -3.21
C THR A 127 -14.78 5.55 -1.80
N GLY A 128 -15.58 6.60 -1.71
CA GLY A 128 -16.13 7.18 -0.46
C GLY A 128 -15.17 8.16 0.23
N GLU A 129 -13.96 8.36 -0.24
CA GLU A 129 -13.06 9.36 0.36
C GLU A 129 -13.69 10.74 0.25
N PRO A 130 -13.90 11.45 1.38
CA PRO A 130 -14.45 12.80 1.34
C PRO A 130 -13.74 13.70 0.34
N ASP A 131 -14.49 14.59 -0.29
CA ASP A 131 -13.96 15.42 -1.39
C ASP A 131 -12.84 16.32 -0.89
N HIS A 132 -12.81 16.69 0.39
CA HIS A 132 -11.76 17.65 0.87
C HIS A 132 -10.37 16.97 0.75
N LEU A 133 -10.33 15.65 0.59
CA LEU A 133 -9.02 14.94 0.48
C LEU A 133 -8.40 15.09 -0.90
N GLN A 134 -9.14 15.64 -1.87
CA GLN A 134 -8.55 15.91 -3.20
C GLN A 134 -7.66 17.15 -3.17
N HIS A 135 -7.68 17.96 -2.12
CA HIS A 135 -6.85 19.19 -2.09
C HIS A 135 -6.32 19.43 -0.68
N THR A 136 -6.21 18.38 0.15
CA THR A 136 -5.69 18.45 1.52
C THR A 136 -4.18 18.21 1.46
N THR A 137 -3.48 18.94 2.30
CA THR A 137 -2.04 18.70 2.56
C THR A 137 -1.83 18.35 4.03
N ILE A 138 -1.06 17.28 4.25
CA ILE A 138 -0.54 16.90 5.57
C ILE A 138 0.91 17.35 5.62
N ALA A 139 1.17 18.36 6.44
CA ALA A 139 2.46 19.08 6.42
C ALA A 139 3.11 19.06 7.81
N GLY A 140 4.40 18.73 7.84
CA GLY A 140 5.21 18.91 9.04
C GLY A 140 6.44 19.72 8.72
N SER A 141 7.56 19.33 9.29
CA SER A 141 8.81 20.09 9.19
C SER A 141 9.56 19.66 7.93
N SER A 142 9.06 18.69 7.16
CA SER A 142 9.80 18.09 6.03
C SER A 142 8.96 18.24 4.74
N VAL A 143 9.12 17.31 3.81
CA VAL A 143 8.33 17.28 2.55
C VAL A 143 6.91 16.89 2.91
N PRO A 144 5.91 17.67 2.46
CA PRO A 144 4.53 17.38 2.78
C PRO A 144 3.95 16.27 1.89
N TYR A 145 2.75 15.83 2.27
CA TYR A 145 1.99 14.74 1.61
C TYR A 145 0.63 15.31 1.19
N HIS A 146 0.35 15.32 -0.11
CA HIS A 146 -0.95 15.75 -0.70
C HIS A 146 -1.87 14.53 -0.76
N THR A 147 -2.94 14.50 0.04
CA THR A 147 -3.79 13.29 0.18
C THR A 147 -4.45 12.89 -1.15
N VAL A 148 -4.50 13.76 -2.15
CA VAL A 148 -5.04 13.40 -3.48
C VAL A 148 -4.25 12.17 -4.00
N ILE A 149 -3.04 11.98 -3.50
CA ILE A 149 -2.16 10.89 -3.97
C ILE A 149 -2.62 9.55 -3.41
N ASN A 150 -3.46 9.51 -2.38
CA ASN A 150 -3.85 8.19 -1.82
C ASN A 150 -4.33 7.25 -2.95
N ARG A 151 -5.26 7.73 -3.76
CA ARG A 151 -5.85 6.91 -4.82
C ARG A 151 -4.72 6.38 -5.71
N HIS A 152 -3.81 7.28 -6.07
CA HIS A 152 -2.69 6.99 -6.99
C HIS A 152 -1.83 5.86 -6.41
N VAL A 153 -1.62 5.89 -5.12
CA VAL A 153 -0.79 4.85 -4.47
C VAL A 153 -1.49 3.51 -4.59
N PHE A 154 -2.79 3.46 -4.34
CA PHE A 154 -3.51 2.17 -4.34
C PHE A 154 -3.56 1.65 -5.78
N GLU A 155 -3.81 2.53 -6.75
CA GLU A 155 -3.82 2.18 -8.21
C GLU A 155 -2.46 1.59 -8.63
N SER A 156 -1.38 2.27 -8.30
CA SER A 156 0.00 1.84 -8.67
C SER A 156 0.31 0.48 -8.04
N LEU A 157 -0.05 0.30 -6.77
CA LEU A 157 0.16 -0.99 -6.07
C LEU A 157 -0.57 -2.09 -6.83
N ALA A 158 -1.87 -1.89 -7.07
CA ALA A 158 -2.75 -2.92 -7.67
C ALA A 158 -2.23 -3.26 -9.08
N ALA A 159 -1.89 -2.23 -9.85
CA ALA A 159 -1.47 -2.40 -11.25
C ALA A 159 -0.16 -3.18 -11.34
N ASN A 160 0.77 -2.97 -10.42
CA ASN A 160 2.10 -3.63 -10.48
C ASN A 160 2.12 -4.95 -9.74
N ALA A 161 1.29 -5.17 -8.74
CA ALA A 161 1.17 -6.50 -8.10
C ALA A 161 0.24 -7.42 -8.94
N ARG A 162 -0.56 -6.84 -9.83
CA ARG A 162 -1.53 -7.52 -10.75
C ARG A 162 -2.61 -8.17 -9.87
N ILE A 163 -3.27 -7.34 -9.06
CA ILE A 163 -4.31 -7.83 -8.11
C ILE A 163 -5.50 -6.89 -8.26
N ALA A 164 -6.67 -7.33 -7.78
CA ALA A 164 -7.85 -6.50 -7.59
C ALA A 164 -7.84 -5.96 -6.16
N LEU A 165 -7.86 -4.64 -6.06
CA LEU A 165 -7.83 -3.90 -4.77
C LEU A 165 -8.99 -2.90 -4.74
N HIS A 166 -9.91 -3.11 -3.82
CA HIS A 166 -11.09 -2.23 -3.60
C HIS A 166 -10.92 -1.56 -2.23
N VAL A 167 -10.81 -0.23 -2.24
CA VAL A 167 -10.58 0.53 -0.99
C VAL A 167 -11.75 1.46 -0.82
N ARG A 168 -12.34 1.44 0.37
CA ARG A 168 -13.56 2.22 0.64
C ARG A 168 -13.37 2.99 1.93
N VAL A 169 -13.85 4.23 1.93
CA VAL A 169 -14.04 5.01 3.16
C VAL A 169 -15.55 5.02 3.37
N LEU A 170 -16.02 4.41 4.44
CA LEU A 170 -17.45 4.39 4.80
CA LEU A 170 -17.47 4.42 4.71
C LEU A 170 -17.85 5.78 5.30
N TYR A 171 -17.01 6.39 6.12
CA TYR A 171 -17.21 7.74 6.65
C TYR A 171 -15.93 8.12 7.37
N GLY A 172 -15.76 9.44 7.57
CA GLY A 172 -14.66 9.97 8.42
C GLY A 172 -14.48 11.45 8.17
N ARG A 173 -13.61 12.09 8.92
CA ARG A 173 -13.43 13.56 8.86
C ARG A 173 -11.94 13.87 8.79
N ASP A 174 -11.17 13.36 9.71
CA ASP A 174 -9.75 13.79 9.85
C ASP A 174 -8.95 13.16 8.72
N PRO A 175 -8.17 13.92 7.93
CA PRO A 175 -7.52 13.38 6.73
C PRO A 175 -6.39 12.40 7.07
N HIS A 176 -5.78 12.58 8.23
CA HIS A 176 -4.77 11.63 8.74
C HIS A 176 -5.48 10.32 9.11
N HIS A 177 -6.59 10.36 9.84
CA HIS A 177 -7.35 9.13 10.19
C HIS A 177 -7.86 8.48 8.89
N ILE A 178 -8.36 9.29 7.96
CA ILE A 178 -8.96 8.69 6.74
C ILE A 178 -7.86 8.00 5.94
N THR A 179 -6.72 8.67 5.77
CA THR A 179 -5.59 8.10 5.02
C THR A 179 -5.05 6.86 5.74
N GLU A 180 -4.76 6.96 7.03
CA GLU A 180 -4.04 5.86 7.74
C GLU A 180 -4.97 4.65 7.80
N ALA A 181 -6.28 4.86 7.98
CA ALA A 181 -7.20 3.70 8.08
C ALA A 181 -7.24 2.93 6.76
N GLN A 182 -7.15 3.64 5.64
CA GLN A 182 -7.15 3.00 4.30
C GLN A 182 -5.86 2.20 4.14
N TYR A 183 -4.70 2.75 4.50
CA TYR A 183 -3.45 2.00 4.36
C TYR A 183 -3.54 0.76 5.26
N LYS A 184 -4.05 0.91 6.46
CA LYS A 184 -4.13 -0.25 7.39
C LYS A 184 -5.10 -1.28 6.87
N ALA A 185 -6.19 -0.84 6.24
CA ALA A 185 -7.21 -1.75 5.71
C ALA A 185 -6.62 -2.58 4.56
N VAL A 186 -5.92 -1.93 3.64
CA VAL A 186 -5.19 -2.63 2.55
C VAL A 186 -4.24 -3.69 3.15
N ALA A 187 -3.52 -3.30 4.20
CA ALA A 187 -2.50 -4.12 4.87
C ALA A 187 -3.16 -5.37 5.44
N ARG A 188 -4.24 -5.22 6.19
CA ARG A 188 -4.87 -6.42 6.82
C ARG A 188 -5.60 -7.27 5.80
N ALA A 189 -6.15 -6.65 4.74
CA ALA A 189 -6.78 -7.42 3.65
C ALA A 189 -5.71 -8.29 2.98
N LEU A 190 -4.58 -7.69 2.59
CA LEU A 190 -3.40 -8.41 2.02
C LEU A 190 -2.96 -9.53 2.97
N ARG A 191 -2.82 -9.21 4.25
CA ARG A 191 -2.38 -10.22 5.23
C ARG A 191 -3.25 -11.47 5.08
N GLN A 192 -4.58 -11.29 5.07
CA GLN A 192 -5.54 -12.44 5.05
C GLN A 192 -5.41 -13.16 3.71
N ALA A 193 -5.41 -12.42 2.60
CA ALA A 193 -5.34 -12.99 1.25
C ALA A 193 -4.06 -13.83 1.05
N VAL A 194 -2.90 -13.41 1.58
CA VAL A 194 -1.62 -14.10 1.21
C VAL A 194 -1.45 -15.36 2.06
N GLU A 195 -2.20 -15.52 3.14
CA GLU A 195 -1.96 -16.59 4.14
CA GLU A 195 -1.89 -16.60 4.11
C GLU A 195 -2.28 -17.94 3.49
N PRO A 196 -1.55 -19.02 3.85
CA PRO A 196 -1.82 -20.35 3.32
C PRO A 196 -3.29 -20.71 3.61
N ASP A 197 -3.97 -21.25 2.62
CA ASP A 197 -5.35 -21.74 2.82
C ASP A 197 -5.27 -23.23 3.11
N PRO A 198 -5.61 -23.68 4.35
CA PRO A 198 -5.42 -25.08 4.73
C PRO A 198 -6.28 -26.10 3.94
N ARG A 199 -7.03 -25.66 2.92
CA ARG A 199 -8.00 -26.50 2.17
C ARG A 199 -7.76 -26.42 0.65
MN MN B . 1.51 10.01 -11.42
MN MN C . -0.64 8.34 12.44
N5 47Z D . -0.51 6.56 13.92
C4 47Z D . -1.50 6.62 15.05
C2 47Z D . -0.87 6.59 16.46
C3 47Z D . 0.16 7.71 16.65
C1 47Z D . -0.33 5.20 16.87
C6 47Z D . -2.34 7.85 14.84
N7 47Z D . -2.23 8.82 13.86
C8 47Z D . -3.26 9.70 14.08
N9 47Z D . -4.06 9.34 15.14
N10 47Z D . -3.44 8.17 15.56
C11 47Z D . -4.04 7.45 16.70
C1 EDO E . 12.92 -8.87 3.68
O1 EDO E . 13.64 -10.08 3.56
C2 EDO E . 13.33 -8.05 4.86
O2 EDO E . 12.93 -6.68 4.79
CL CL F . -20.16 -2.99 4.08
C ACT G . 6.90 6.56 -13.50
O ACT G . 5.97 6.02 -14.22
OXT ACT G . 8.16 6.29 -13.60
CH3 ACT G . 6.51 7.62 -12.49
C1 EDO H . -4.74 0.90 -12.98
O1 EDO H . -5.26 0.89 -14.30
C2 EDO H . -5.12 -0.35 -12.22
O2 EDO H . -4.90 -0.27 -10.82
#